data_5KZO
#
_entry.id   5KZO
#
_entity_poly.entity_id   1
_entity_poly.type   'polypeptide(L)'
_entity_poly.pdbx_seq_one_letter_code
;MGHHHHHHVQSETVEPPPPAQLHFMYVAAAAFVLLFFVGCGVLLSRKRRRQHGQLWFPE
;
_entity_poly.pdbx_strand_id   A
#
# COMPACT_ATOMS: atom_id res chain seq x y z
N VAL A 9 31.15 2.12 24.33
CA VAL A 9 30.97 0.72 23.84
C VAL A 9 29.67 0.05 24.41
N GLN A 10 28.80 0.91 25.08
CA GLN A 10 27.73 0.53 25.99
C GLN A 10 26.49 0.15 25.19
N SER A 11 25.77 -0.96 25.57
CA SER A 11 24.51 -1.43 24.85
C SER A 11 23.40 -0.43 24.65
N GLU A 12 23.44 0.77 25.36
CA GLU A 12 22.49 1.94 25.25
C GLU A 12 22.74 2.83 24.02
N THR A 13 23.91 2.75 23.35
CA THR A 13 24.30 3.54 22.16
C THR A 13 24.92 2.68 21.07
N VAL A 14 25.17 1.39 21.26
CA VAL A 14 25.56 0.39 20.16
C VAL A 14 24.53 0.13 19.09
N GLU A 15 23.25 0.44 19.21
CA GLU A 15 22.23 0.46 18.13
C GLU A 15 21.35 1.81 18.18
N PRO A 16 20.92 2.28 17.03
CA PRO A 16 19.73 3.06 16.95
C PRO A 16 18.44 2.23 16.74
N PRO A 17 17.26 2.64 17.24
CA PRO A 17 15.97 2.17 16.81
C PRO A 17 15.71 2.42 15.26
N PRO A 18 14.66 1.75 14.69
CA PRO A 18 14.53 1.84 13.26
C PRO A 18 14.05 3.23 12.85
N PRO A 19 14.24 3.64 11.55
CA PRO A 19 13.72 4.91 11.04
C PRO A 19 12.22 4.90 11.12
N ALA A 20 11.55 5.69 11.99
CA ALA A 20 10.13 5.88 12.05
C ALA A 20 9.59 6.68 10.80
N GLN A 21 10.45 7.20 9.95
CA GLN A 21 9.97 7.66 8.59
C GLN A 21 9.42 6.51 7.72
N LEU A 22 10.09 5.35 7.73
CA LEU A 22 9.85 4.23 6.90
C LEU A 22 8.79 3.35 7.70
N HIS A 23 9.09 3.05 8.94
CA HIS A 23 8.28 2.19 9.80
C HIS A 23 6.80 2.59 10.01
N PHE A 24 6.62 3.88 10.25
CA PHE A 24 5.26 4.45 10.54
C PHE A 24 4.58 4.56 9.17
N MET A 25 5.32 4.90 8.04
CA MET A 25 4.82 4.94 6.67
C MET A 25 4.46 3.54 6.14
N TYR A 26 5.18 2.49 6.66
CA TYR A 26 4.82 1.16 6.41
C TYR A 26 3.36 0.83 6.84
N VAL A 27 2.93 1.21 7.97
CA VAL A 27 1.60 1.04 8.44
C VAL A 27 0.55 1.80 7.59
N ALA A 28 0.88 3.04 7.18
CA ALA A 28 0.07 3.88 6.30
C ALA A 28 -0.09 3.28 4.93
N ALA A 29 0.94 2.93 4.18
CA ALA A 29 0.99 2.46 2.86
C ALA A 29 0.42 1.04 2.81
N ALA A 30 0.84 0.13 3.71
CA ALA A 30 0.17 -1.17 3.85
C ALA A 30 -1.32 -1.02 4.03
N ALA A 31 -1.75 -0.08 4.92
CA ALA A 31 -3.22 -0.02 5.15
C ALA A 31 -3.90 0.55 3.93
N PHE A 32 -3.27 1.45 3.20
CA PHE A 32 -3.86 2.14 1.98
C PHE A 32 -3.94 1.21 0.79
N VAL A 33 -2.85 0.41 0.65
CA VAL A 33 -2.76 -0.46 -0.48
C VAL A 33 -3.78 -1.65 -0.26
N LEU A 34 -3.81 -2.11 0.98
CA LEU A 34 -4.71 -3.32 1.25
C LEU A 34 -6.08 -2.87 0.96
N LEU A 35 -6.45 -1.75 1.55
CA LEU A 35 -7.79 -1.24 1.70
C LEU A 35 -8.33 -0.83 0.27
N PHE A 36 -7.40 -0.33 -0.55
CA PHE A 36 -7.54 -0.23 -2.00
C PHE A 36 -7.61 -1.61 -2.75
N PHE A 37 -6.66 -2.51 -2.52
CA PHE A 37 -6.73 -3.70 -3.31
C PHE A 37 -7.88 -4.61 -3.01
N VAL A 38 -8.46 -4.55 -1.85
CA VAL A 38 -9.61 -5.32 -1.44
C VAL A 38 -10.89 -4.54 -1.82
N GLY A 39 -10.93 -3.25 -1.54
CA GLY A 39 -12.15 -2.45 -1.83
C GLY A 39 -12.45 -2.39 -3.36
N CYS A 40 -11.39 -2.16 -4.12
CA CYS A 40 -11.35 -2.19 -5.58
C CYS A 40 -11.47 -3.68 -6.01
N GLY A 41 -10.82 -4.61 -5.33
CA GLY A 41 -10.73 -6.01 -5.77
C GLY A 41 -12.05 -6.73 -5.68
N VAL A 42 -12.95 -6.27 -4.77
CA VAL A 42 -14.25 -6.92 -4.46
C VAL A 42 -15.20 -6.71 -5.63
N LEU A 43 -15.28 -5.46 -6.04
CA LEU A 43 -16.12 -5.15 -7.17
C LEU A 43 -15.49 -5.55 -8.46
N LEU A 44 -14.20 -5.36 -8.67
CA LEU A 44 -13.49 -5.80 -9.88
C LEU A 44 -13.52 -7.29 -10.09
N SER A 45 -13.79 -8.09 -9.03
CA SER A 45 -13.96 -9.53 -9.11
C SER A 45 -15.20 -10.07 -9.86
N ARG A 46 -16.17 -9.22 -10.20
CA ARG A 46 -17.26 -9.61 -11.07
C ARG A 46 -16.90 -9.64 -12.56
N LYS A 47 -16.56 -8.52 -13.09
CA LYS A 47 -15.99 -8.33 -14.50
C LYS A 47 -15.23 -6.99 -14.57
N ARG A 48 -15.81 -5.93 -15.17
CA ARG A 48 -15.31 -4.58 -15.43
C ARG A 48 -13.97 -4.45 -16.16
N ARG A 49 -12.86 -5.11 -15.76
CA ARG A 49 -11.43 -4.93 -16.24
C ARG A 49 -11.17 -5.32 -17.70
N ARG A 50 -11.85 -4.79 -18.71
CA ARG A 50 -11.53 -4.97 -20.11
C ARG A 50 -10.15 -4.35 -20.54
N GLN A 51 -9.90 -3.13 -20.03
CA GLN A 51 -8.77 -2.24 -20.55
C GLN A 51 -8.93 -2.08 -22.02
N HIS A 52 -7.79 -1.77 -22.70
CA HIS A 52 -7.72 -1.49 -24.17
C HIS A 52 -9.00 -0.75 -24.72
N GLY A 53 -10.05 -1.41 -25.24
CA GLY A 53 -11.29 -0.82 -25.77
C GLY A 53 -12.20 -0.12 -24.72
N GLN A 54 -11.69 0.19 -23.57
CA GLN A 54 -12.44 0.75 -22.44
C GLN A 54 -11.47 1.64 -21.60
N LEU A 55 -10.23 1.86 -22.07
CA LEU A 55 -9.13 2.61 -21.50
C LEU A 55 -9.31 4.16 -21.61
N TRP A 56 -10.20 4.65 -20.76
CA TRP A 56 -10.57 6.09 -20.68
C TRP A 56 -11.41 6.49 -21.85
N PHE A 57 -10.81 6.47 -23.10
CA PHE A 57 -11.64 6.25 -24.31
C PHE A 57 -12.18 4.86 -24.44
N PRO A 58 -13.47 4.87 -24.81
CA PRO A 58 -14.12 3.64 -25.32
C PRO A 58 -13.70 3.54 -26.90
N GLU A 59 -12.78 2.70 -27.25
CA GLU A 59 -12.27 2.44 -28.56
C GLU A 59 -11.70 1.03 -28.86
N VAL A 9 31.49 -3.33 19.40
CA VAL A 9 30.17 -3.19 18.78
C VAL A 9 29.28 -4.25 19.41
N GLN A 10 28.17 -3.83 20.10
CA GLN A 10 27.32 -4.83 20.84
C GLN A 10 25.96 -4.99 20.13
N SER A 11 24.96 -4.14 20.33
CA SER A 11 23.64 -4.09 19.67
C SER A 11 22.97 -2.75 19.95
N GLU A 12 22.80 -2.03 18.92
CA GLU A 12 22.15 -0.68 18.98
C GLU A 12 22.91 0.44 19.76
N THR A 13 24.03 0.09 20.29
CA THR A 13 24.80 0.85 21.30
C THR A 13 25.64 1.90 20.66
N VAL A 14 25.87 1.84 19.34
CA VAL A 14 26.86 2.72 18.66
C VAL A 14 26.35 3.24 17.25
N GLU A 15 25.08 3.03 16.98
CA GLU A 15 24.38 3.51 15.75
C GLU A 15 22.89 3.65 16.07
N PRO A 16 22.16 4.73 15.75
CA PRO A 16 20.75 4.83 16.02
C PRO A 16 19.88 3.76 15.34
N PRO A 17 18.84 3.27 15.98
CA PRO A 17 17.69 2.62 15.31
C PRO A 17 17.15 3.42 14.09
N PRO A 18 16.46 2.83 13.12
CA PRO A 18 15.87 3.48 11.97
C PRO A 18 14.87 4.57 12.41
N PRO A 19 14.71 5.58 11.54
CA PRO A 19 13.66 6.61 11.84
C PRO A 19 12.19 6.04 11.82
N ALA A 20 11.19 6.68 12.45
CA ALA A 20 9.84 6.19 12.40
C ALA A 20 9.23 6.16 11.01
N GLN A 21 9.69 7.00 10.04
CA GLN A 21 9.18 7.06 8.69
C GLN A 21 9.21 5.69 7.92
N LEU A 22 10.12 4.76 8.28
CA LEU A 22 10.14 3.35 7.81
C LEU A 22 8.85 2.73 8.29
N HIS A 23 8.62 2.69 9.64
CA HIS A 23 7.50 2.00 10.33
C HIS A 23 6.18 2.63 10.04
N PHE A 24 6.12 3.97 10.10
CA PHE A 24 4.89 4.74 9.89
C PHE A 24 4.38 4.72 8.42
N MET A 25 5.40 4.59 7.52
CA MET A 25 5.08 4.21 6.11
C MET A 25 4.58 2.78 6.00
N TYR A 26 5.32 1.80 6.62
CA TYR A 26 4.88 0.42 6.66
C TYR A 26 3.49 0.11 7.20
N VAL A 27 2.85 1.08 7.82
CA VAL A 27 1.50 1.05 8.27
C VAL A 27 0.68 1.76 7.25
N ALA A 28 0.91 3.05 7.05
CA ALA A 28 0.16 3.91 6.11
C ALA A 28 0.00 3.44 4.66
N ALA A 29 1.11 3.06 4.01
CA ALA A 29 1.20 2.78 2.59
C ALA A 29 0.85 1.28 2.42
N ALA A 30 1.06 0.46 3.49
CA ALA A 30 0.59 -0.88 3.42
C ALA A 30 -0.97 -0.90 3.42
N ALA A 31 -1.54 -0.13 4.36
CA ALA A 31 -2.97 -0.03 4.47
C ALA A 31 -3.66 0.44 3.27
N PHE A 32 -3.06 1.39 2.60
CA PHE A 32 -3.57 1.90 1.29
C PHE A 32 -3.54 0.83 0.24
N VAL A 33 -2.36 0.13 0.11
CA VAL A 33 -2.35 -0.98 -0.88
C VAL A 33 -3.37 -2.02 -0.52
N LEU A 34 -3.56 -2.47 0.75
CA LEU A 34 -4.52 -3.49 1.11
C LEU A 34 -5.95 -2.94 1.04
N LEU A 35 -6.28 -1.74 1.54
CA LEU A 35 -7.63 -1.19 1.52
C LEU A 35 -8.12 -0.94 0.04
N PHE A 36 -7.23 -0.49 -0.87
CA PHE A 36 -7.47 -0.48 -2.29
C PHE A 36 -7.59 -1.84 -2.99
N PHE A 37 -6.73 -2.81 -2.64
CA PHE A 37 -6.88 -4.09 -3.36
C PHE A 37 -8.13 -4.86 -2.99
N VAL A 38 -8.56 -4.68 -1.76
CA VAL A 38 -9.80 -5.30 -1.29
C VAL A 38 -10.99 -4.46 -1.72
N GLY A 39 -10.98 -3.16 -1.45
CA GLY A 39 -12.13 -2.35 -1.59
C GLY A 39 -12.68 -2.35 -2.98
N CYS A 40 -11.71 -1.94 -3.87
CA CYS A 40 -12.01 -1.88 -5.28
C CYS A 40 -11.91 -3.28 -5.88
N GLY A 41 -10.93 -4.18 -5.52
CA GLY A 41 -10.67 -5.46 -6.27
C GLY A 41 -11.78 -6.45 -5.91
N VAL A 42 -12.54 -6.28 -4.80
CA VAL A 42 -13.54 -7.27 -4.49
C VAL A 42 -14.72 -7.04 -5.46
N LEU A 43 -15.17 -5.79 -5.50
CA LEU A 43 -16.27 -5.45 -6.40
C LEU A 43 -15.90 -5.42 -7.89
N LEU A 44 -14.64 -5.14 -8.18
CA LEU A 44 -14.15 -5.12 -9.58
C LEU A 44 -13.92 -6.55 -10.12
N SER A 45 -13.72 -7.51 -9.21
CA SER A 45 -13.50 -8.90 -9.65
C SER A 45 -14.81 -9.55 -10.18
N ARG A 46 -15.88 -9.17 -9.50
CA ARG A 46 -17.20 -9.74 -9.77
C ARG A 46 -17.64 -9.28 -11.14
N LYS A 47 -17.58 -7.93 -11.29
CA LYS A 47 -17.49 -7.15 -12.62
C LYS A 47 -17.89 -5.65 -12.39
N ARG A 48 -17.08 -4.69 -12.75
CA ARG A 48 -17.26 -3.23 -12.39
C ARG A 48 -16.39 -2.19 -13.04
N ARG A 49 -15.39 -2.62 -13.80
CA ARG A 49 -14.34 -1.75 -14.39
C ARG A 49 -15.04 -0.51 -15.03
N ARG A 50 -15.94 -0.63 -15.99
CA ARG A 50 -16.81 0.48 -16.50
C ARG A 50 -16.06 1.71 -17.00
N GLN A 51 -16.11 2.74 -16.13
CA GLN A 51 -15.46 4.10 -16.10
C GLN A 51 -15.86 5.05 -17.27
N HIS A 52 -16.22 4.49 -18.38
CA HIS A 52 -16.78 5.12 -19.60
C HIS A 52 -18.29 5.41 -19.32
N GLY A 53 -19.21 4.60 -19.76
CA GLY A 53 -20.67 4.85 -19.73
C GLY A 53 -21.32 4.60 -18.43
N GLN A 54 -20.76 5.04 -17.34
CA GLN A 54 -21.26 4.84 -15.90
C GLN A 54 -20.66 5.90 -14.90
N LEU A 55 -19.73 6.78 -15.39
CA LEU A 55 -18.91 7.67 -14.59
C LEU A 55 -19.66 9.04 -14.35
N TRP A 56 -20.23 9.13 -13.19
CA TRP A 56 -21.28 10.17 -12.78
C TRP A 56 -22.55 10.25 -13.68
N PHE A 57 -22.41 10.43 -14.95
CA PHE A 57 -23.47 10.23 -15.93
C PHE A 57 -23.21 8.99 -16.79
N PRO A 58 -24.20 8.07 -17.00
CA PRO A 58 -23.95 6.79 -17.59
C PRO A 58 -23.96 6.74 -19.13
N GLU A 59 -23.04 7.52 -19.71
CA GLU A 59 -23.07 7.85 -21.13
C GLU A 59 -21.86 7.35 -21.87
N VAL A 9 32.09 4.34 23.99
CA VAL A 9 31.68 3.15 23.26
C VAL A 9 30.67 2.32 24.09
N GLN A 10 29.38 2.69 23.95
CA GLN A 10 28.23 2.09 24.62
C GLN A 10 27.04 1.99 23.67
N SER A 11 26.10 1.04 23.93
CA SER A 11 24.74 1.04 23.39
C SER A 11 23.88 2.35 23.60
N GLU A 12 23.10 2.63 22.57
CA GLU A 12 22.38 3.87 22.38
C GLU A 12 23.16 5.13 22.27
N THR A 13 24.27 5.30 22.99
CA THR A 13 25.18 6.38 22.83
C THR A 13 26.02 6.38 21.54
N VAL A 14 26.06 5.16 20.85
CA VAL A 14 26.75 4.95 19.54
C VAL A 14 25.91 4.40 18.43
N GLU A 15 24.96 3.48 18.79
CA GLU A 15 24.17 2.67 17.88
C GLU A 15 22.76 3.25 17.95
N PRO A 16 22.29 4.07 17.00
CA PRO A 16 21.05 4.82 17.13
C PRO A 16 19.85 4.07 16.62
N PRO A 17 18.59 4.29 17.09
CA PRO A 17 17.49 3.61 16.47
C PRO A 17 17.20 3.93 14.99
N PRO A 18 16.47 3.16 14.19
CA PRO A 18 16.03 3.51 12.83
C PRO A 18 14.98 4.58 12.82
N PRO A 19 14.83 5.25 11.64
CA PRO A 19 13.86 6.34 11.49
C PRO A 19 12.39 5.80 11.35
N ALA A 20 11.52 6.35 12.19
CA ALA A 20 10.06 6.09 12.15
C ALA A 20 9.44 6.27 10.72
N GLN A 21 10.04 7.12 9.85
CA GLN A 21 9.61 7.35 8.47
C GLN A 21 9.49 6.01 7.71
N LEU A 22 10.22 4.99 8.18
CA LEU A 22 10.08 3.66 7.64
C LEU A 22 8.88 2.93 8.16
N HIS A 23 8.78 2.58 9.44
CA HIS A 23 7.70 1.81 9.98
C HIS A 23 6.31 2.52 10.06
N PHE A 24 6.26 3.83 10.22
CA PHE A 24 5.06 4.69 10.31
C PHE A 24 4.56 4.78 8.83
N MET A 25 5.49 4.95 7.88
CA MET A 25 5.03 4.78 6.48
C MET A 25 4.70 3.36 6.09
N TYR A 26 5.34 2.28 6.58
CA TYR A 26 4.82 0.95 6.39
C TYR A 26 3.26 0.59 6.70
N VAL A 27 2.83 1.06 7.91
CA VAL A 27 1.43 0.84 8.35
C VAL A 27 0.53 1.72 7.47
N ALA A 28 0.96 2.93 7.16
CA ALA A 28 0.18 3.82 6.28
C ALA A 28 -0.14 3.35 4.85
N ALA A 29 0.94 2.88 4.22
CA ALA A 29 0.94 2.42 2.85
C ALA A 29 0.48 0.96 2.69
N ALA A 30 0.90 0.04 3.61
CA ALA A 30 0.36 -1.25 3.49
C ALA A 30 -1.13 -1.29 3.72
N ALA A 31 -1.69 -0.39 4.61
CA ALA A 31 -3.13 -0.36 4.92
C ALA A 31 -3.82 0.27 3.71
N PHE A 32 -3.22 1.20 2.97
CA PHE A 32 -3.65 1.91 1.81
C PHE A 32 -3.62 1.04 0.55
N VAL A 33 -2.54 0.29 0.32
CA VAL A 33 -2.53 -0.69 -0.73
C VAL A 33 -3.54 -1.79 -0.42
N LEU A 34 -3.76 -2.09 0.84
CA LEU A 34 -4.49 -3.31 1.12
C LEU A 34 -5.96 -2.98 0.96
N LEU A 35 -6.33 -1.75 1.40
CA LEU A 35 -7.73 -1.31 1.53
C LEU A 35 -8.19 -0.77 0.15
N PHE A 36 -7.28 -0.35 -0.68
CA PHE A 36 -7.54 -0.35 -2.15
C PHE A 36 -7.57 -1.66 -2.83
N PHE A 37 -6.67 -2.53 -2.56
CA PHE A 37 -6.66 -3.80 -3.26
C PHE A 37 -7.85 -4.74 -3.00
N VAL A 38 -8.40 -4.61 -1.80
CA VAL A 38 -9.66 -5.28 -1.45
C VAL A 38 -10.89 -4.45 -1.76
N GLY A 39 -10.94 -3.18 -1.42
CA GLY A 39 -12.17 -2.39 -1.62
C GLY A 39 -12.62 -2.34 -3.08
N CYS A 40 -11.65 -2.00 -3.91
CA CYS A 40 -11.60 -1.94 -5.32
C CYS A 40 -11.71 -3.32 -5.95
N GLY A 41 -10.94 -4.29 -5.49
CA GLY A 41 -10.87 -5.63 -6.11
C GLY A 41 -12.07 -6.44 -5.81
N VAL A 42 -12.76 -6.20 -4.67
CA VAL A 42 -14.06 -6.87 -4.43
C VAL A 42 -15.09 -6.50 -5.46
N LEU A 43 -15.23 -5.23 -5.81
CA LEU A 43 -16.22 -4.80 -6.83
C LEU A 43 -15.65 -5.26 -8.15
N LEU A 44 -14.33 -5.20 -8.39
CA LEU A 44 -13.75 -5.59 -9.69
C LEU A 44 -13.95 -7.07 -10.00
N SER A 45 -14.18 -7.84 -8.89
CA SER A 45 -14.17 -9.35 -8.81
C SER A 45 -15.08 -10.12 -9.80
N ARG A 46 -16.27 -9.57 -10.16
CA ARG A 46 -17.13 -10.10 -11.24
C ARG A 46 -16.62 -9.98 -12.72
N LYS A 47 -15.48 -9.25 -12.89
CA LYS A 47 -14.82 -8.90 -14.13
C LYS A 47 -13.39 -9.49 -14.16
N ARG A 48 -12.77 -9.76 -12.99
CA ARG A 48 -11.35 -10.23 -12.76
C ARG A 48 -10.89 -11.35 -13.65
N ARG A 49 -11.71 -12.30 -14.04
CA ARG A 49 -11.40 -13.41 -14.92
C ARG A 49 -10.74 -13.05 -16.22
N ARG A 50 -10.90 -11.80 -16.67
CA ARG A 50 -10.36 -11.27 -17.93
C ARG A 50 -8.88 -11.28 -17.90
N GLN A 51 -8.17 -10.67 -16.95
CA GLN A 51 -6.71 -10.76 -16.75
C GLN A 51 -5.91 -10.09 -17.89
N HIS A 52 -4.73 -9.54 -17.63
CA HIS A 52 -3.86 -8.77 -18.55
C HIS A 52 -4.48 -7.45 -19.05
N GLY A 53 -5.59 -7.51 -19.79
CA GLY A 53 -6.33 -6.36 -20.30
C GLY A 53 -7.17 -5.65 -19.28
N GLN A 54 -6.63 -5.40 -18.10
CA GLN A 54 -7.23 -4.61 -17.02
C GLN A 54 -6.10 -3.95 -16.23
N LEU A 55 -4.88 -4.29 -16.50
CA LEU A 55 -3.73 -3.94 -15.83
C LEU A 55 -3.19 -2.51 -16.23
N TRP A 56 -3.90 -1.57 -15.74
CA TRP A 56 -3.88 -0.18 -16.20
C TRP A 56 -4.55 -0.12 -17.61
N PHE A 57 -4.01 -0.74 -18.63
CA PHE A 57 -4.44 -0.73 -19.98
C PHE A 57 -5.53 -1.79 -20.31
N PRO A 58 -6.57 -1.46 -21.12
CA PRO A 58 -7.48 -2.46 -21.45
C PRO A 58 -7.01 -3.03 -22.83
N GLU A 59 -6.32 -4.15 -22.78
CA GLU A 59 -5.72 -4.72 -24.02
C GLU A 59 -5.70 -6.26 -24.02
N VAL A 9 26.48 3.80 29.14
CA VAL A 9 27.43 2.75 28.69
C VAL A 9 26.73 1.48 28.31
N GLN A 10 25.69 1.60 27.51
CA GLN A 10 24.63 0.61 27.34
C GLN A 10 24.94 -0.60 26.53
N SER A 11 26.22 -0.73 26.17
CA SER A 11 26.73 -1.82 25.26
C SER A 11 26.11 -1.84 23.81
N GLU A 12 25.30 -0.87 23.42
CA GLU A 12 24.84 -0.72 22.00
C GLU A 12 25.81 -0.05 21.05
N THR A 13 27.09 0.05 21.32
CA THR A 13 28.13 0.59 20.38
C THR A 13 27.85 1.97 19.78
N VAL A 14 27.10 2.82 20.51
CA VAL A 14 26.63 4.17 20.10
C VAL A 14 25.60 4.28 19.00
N GLU A 15 24.81 3.21 18.75
CA GLU A 15 23.86 3.17 17.68
C GLU A 15 22.47 3.70 18.11
N PRO A 16 21.84 4.53 17.28
CA PRO A 16 20.45 5.09 17.54
C PRO A 16 19.45 4.13 16.92
N PRO A 17 18.22 4.13 17.48
CA PRO A 17 17.10 3.47 16.85
C PRO A 17 16.55 4.14 15.55
N PRO A 18 16.05 3.44 14.54
CA PRO A 18 15.58 3.98 13.26
C PRO A 18 14.36 4.88 13.40
N PRO A 19 14.08 5.77 12.41
CA PRO A 19 12.95 6.73 12.38
C PRO A 19 11.63 5.98 12.14
N ALA A 20 10.54 6.59 12.50
CA ALA A 20 9.18 6.11 12.11
C ALA A 20 8.92 6.12 10.67
N GLN A 21 9.60 7.01 9.91
CA GLN A 21 9.64 7.01 8.48
C GLN A 21 9.78 5.67 7.77
N LEU A 22 10.45 4.67 8.36
CA LEU A 22 10.35 3.33 7.89
C LEU A 22 9.04 2.71 8.29
N HIS A 23 8.78 2.37 9.56
CA HIS A 23 7.66 1.59 10.06
C HIS A 23 6.28 2.27 9.95
N PHE A 24 6.13 3.51 10.35
CA PHE A 24 4.84 4.16 10.35
C PHE A 24 4.59 4.54 8.88
N MET A 25 5.68 4.80 8.07
CA MET A 25 5.30 5.03 6.68
C MET A 25 4.93 3.67 6.07
N TYR A 26 5.60 2.58 6.47
CA TYR A 26 5.29 1.19 6.00
C TYR A 26 3.77 0.77 6.25
N VAL A 27 3.25 1.01 7.44
CA VAL A 27 1.86 0.71 7.82
C VAL A 27 0.88 1.59 7.12
N ALA A 28 1.23 2.84 6.89
CA ALA A 28 0.32 3.70 6.15
C ALA A 28 0.19 3.28 4.64
N ALA A 29 1.27 3.01 3.97
CA ALA A 29 1.32 2.54 2.51
C ALA A 29 0.73 1.15 2.49
N ALA A 30 1.18 0.17 3.34
CA ALA A 30 0.49 -1.09 3.27
C ALA A 30 -0.99 -1.03 3.55
N ALA A 31 -1.45 -0.22 4.55
CA ALA A 31 -2.91 -0.18 4.85
C ALA A 31 -3.71 0.35 3.68
N PHE A 32 -3.15 1.38 3.01
CA PHE A 32 -3.60 2.16 1.88
C PHE A 32 -3.66 1.30 0.62
N VAL A 33 -2.64 0.52 0.39
CA VAL A 33 -2.64 -0.35 -0.85
C VAL A 33 -3.38 -1.66 -0.57
N LEU A 34 -3.43 -2.13 0.67
CA LEU A 34 -4.33 -3.29 0.88
C LEU A 34 -5.83 -2.97 0.82
N LEU A 35 -6.20 -1.80 1.36
CA LEU A 35 -7.56 -1.31 1.45
C LEU A 35 -8.12 -0.80 0.11
N PHE A 36 -7.23 -0.24 -0.72
CA PHE A 36 -7.43 -0.03 -2.12
C PHE A 36 -7.56 -1.24 -3.01
N PHE A 37 -6.65 -2.22 -2.93
CA PHE A 37 -6.78 -3.36 -3.85
C PHE A 37 -7.81 -4.38 -3.49
N VAL A 38 -8.16 -4.49 -2.24
CA VAL A 38 -9.26 -5.31 -1.72
C VAL A 38 -10.53 -4.58 -1.90
N GLY A 39 -10.75 -3.34 -1.49
CA GLY A 39 -12.08 -2.78 -1.61
C GLY A 39 -12.61 -2.68 -3.11
N CYS A 40 -11.70 -2.25 -4.00
CA CYS A 40 -11.90 -2.23 -5.42
C CYS A 40 -11.96 -3.69 -5.91
N GLY A 41 -11.26 -4.57 -5.26
CA GLY A 41 -11.11 -5.97 -5.67
C GLY A 41 -12.42 -6.75 -5.44
N VAL A 42 -13.20 -6.30 -4.52
CA VAL A 42 -14.47 -7.04 -4.18
C VAL A 42 -15.37 -6.91 -5.42
N LEU A 43 -15.39 -5.70 -5.93
CA LEU A 43 -16.31 -5.34 -6.99
C LEU A 43 -15.79 -5.47 -8.44
N LEU A 44 -14.46 -5.43 -8.54
CA LEU A 44 -13.71 -5.80 -9.76
C LEU A 44 -13.68 -7.36 -10.02
N SER A 45 -13.77 -8.10 -8.87
CA SER A 45 -13.93 -9.53 -8.85
C SER A 45 -15.30 -9.92 -9.55
N ARG A 46 -16.37 -9.14 -9.34
CA ARG A 46 -17.60 -9.21 -10.21
C ARG A 46 -17.42 -8.58 -11.57
N LYS A 47 -17.22 -7.30 -11.72
CA LYS A 47 -17.23 -6.52 -12.99
C LYS A 47 -16.37 -5.32 -12.96
N ARG A 48 -16.89 -4.11 -12.75
CA ARG A 48 -16.15 -2.80 -12.84
C ARG A 48 -15.49 -2.48 -14.21
N ARG A 49 -14.80 -3.45 -14.80
CA ARG A 49 -14.29 -3.36 -16.19
C ARG A 49 -14.37 -4.72 -16.96
N ARG A 50 -13.48 -5.63 -16.62
CA ARG A 50 -13.40 -6.95 -17.19
C ARG A 50 -13.34 -6.94 -18.74
N GLN A 51 -12.27 -6.39 -19.35
CA GLN A 51 -12.08 -6.24 -20.83
C GLN A 51 -10.78 -6.76 -21.36
N HIS A 52 -10.28 -7.92 -20.85
CA HIS A 52 -9.02 -8.55 -21.22
C HIS A 52 -7.79 -7.73 -20.88
N GLY A 53 -7.73 -6.42 -21.23
CA GLY A 53 -6.64 -5.49 -20.98
C GLY A 53 -6.37 -5.11 -19.58
N GLN A 54 -6.65 -6.00 -18.60
CA GLN A 54 -6.57 -5.78 -17.16
C GLN A 54 -6.62 -7.14 -16.42
N LEU A 55 -6.62 -8.22 -17.24
CA LEU A 55 -6.65 -9.60 -16.73
C LEU A 55 -5.26 -10.06 -16.37
N TRP A 56 -4.74 -9.41 -15.30
CA TRP A 56 -3.37 -9.35 -14.81
C TRP A 56 -2.30 -8.75 -15.82
N PHE A 57 -2.28 -9.22 -17.03
CA PHE A 57 -1.47 -8.69 -18.13
C PHE A 57 -2.29 -7.52 -18.70
N PRO A 58 -1.76 -6.28 -18.82
CA PRO A 58 -2.60 -5.09 -19.16
C PRO A 58 -2.77 -4.88 -20.63
N GLU A 59 -2.99 -5.97 -21.35
CA GLU A 59 -2.83 -6.08 -22.88
C GLU A 59 -4.14 -6.18 -23.59
N VAL A 9 30.70 -1.96 21.86
CA VAL A 9 29.27 -1.75 22.12
C VAL A 9 28.45 -2.65 21.15
N GLN A 10 28.21 -2.26 19.88
CA GLN A 10 27.14 -2.73 19.01
C GLN A 10 27.55 -2.66 17.51
N SER A 11 26.88 -3.48 16.66
CA SER A 11 27.15 -3.51 15.18
C SER A 11 26.72 -2.27 14.40
N GLU A 12 26.17 -1.30 15.05
CA GLU A 12 25.64 -0.10 14.46
C GLU A 12 26.73 0.89 14.05
N THR A 13 27.95 0.73 14.61
CA THR A 13 29.06 1.64 14.25
C THR A 13 28.76 3.09 14.62
N VAL A 14 28.00 3.30 15.69
CA VAL A 14 27.54 4.64 16.09
C VAL A 14 26.47 5.20 15.22
N GLU A 15 25.82 4.40 14.37
CA GLU A 15 24.60 4.80 13.60
C GLU A 15 23.38 4.90 14.56
N PRO A 16 22.59 5.97 14.54
CA PRO A 16 21.26 6.04 15.29
C PRO A 16 20.10 5.18 14.72
N PRO A 17 19.17 4.64 15.54
CA PRO A 17 18.02 3.77 15.14
C PRO A 17 17.31 4.31 13.86
N PRO A 18 16.82 3.53 12.85
CA PRO A 18 16.11 4.09 11.72
C PRO A 18 14.81 4.97 12.00
N PRO A 19 14.57 6.04 11.17
CA PRO A 19 13.43 6.94 11.31
C PRO A 19 12.08 6.18 11.24
N ALA A 20 11.06 6.87 11.76
CA ALA A 20 9.63 6.50 11.69
C ALA A 20 9.08 6.48 10.27
N GLN A 21 9.71 7.12 9.26
CA GLN A 21 9.63 6.97 7.81
C GLN A 21 9.76 5.55 7.27
N LEU A 22 10.40 4.62 8.09
CA LEU A 22 10.40 3.21 7.75
C LEU A 22 9.03 2.63 8.22
N HIS A 23 8.83 2.37 9.51
CA HIS A 23 7.80 1.58 10.15
C HIS A 23 6.38 2.33 10.10
N PHE A 24 6.27 3.55 10.63
CA PHE A 24 5.08 4.38 10.52
C PHE A 24 4.71 4.62 9.09
N MET A 25 5.69 4.88 8.16
CA MET A 25 5.23 4.98 6.71
C MET A 25 4.67 3.64 6.14
N TYR A 26 5.35 2.52 6.54
CA TYR A 26 4.97 1.17 6.19
C TYR A 26 3.54 0.73 6.55
N VAL A 27 3.09 1.02 7.79
CA VAL A 27 1.75 0.73 8.35
C VAL A 27 0.74 1.42 7.47
N ALA A 28 0.91 2.72 7.28
CA ALA A 28 0.05 3.55 6.44
C ALA A 28 -0.08 3.09 5.02
N ALA A 29 1.06 2.86 4.35
CA ALA A 29 1.20 2.46 2.94
C ALA A 29 0.69 0.97 2.80
N ALA A 30 1.08 -0.06 3.59
CA ALA A 30 0.41 -1.34 3.49
C ALA A 30 -1.12 -1.30 3.81
N ALA A 31 -1.57 -0.41 4.75
CA ALA A 31 -3.00 -0.43 5.13
C ALA A 31 -3.84 0.11 4.04
N PHE A 32 -3.33 1.15 3.33
CA PHE A 32 -3.87 1.81 2.14
C PHE A 32 -3.80 0.94 0.94
N VAL A 33 -2.66 0.24 0.70
CA VAL A 33 -2.50 -0.64 -0.47
C VAL A 33 -3.54 -1.73 -0.29
N LEU A 34 -3.65 -2.29 0.93
CA LEU A 34 -4.64 -3.31 1.19
C LEU A 34 -6.07 -2.94 0.92
N LEU A 35 -6.46 -1.85 1.53
CA LEU A 35 -7.79 -1.27 1.60
C LEU A 35 -8.27 -0.87 0.23
N PHE A 36 -7.36 -0.33 -0.55
CA PHE A 36 -7.51 -0.11 -1.97
C PHE A 36 -7.50 -1.33 -2.90
N PHE A 37 -6.68 -2.36 -2.56
CA PHE A 37 -6.71 -3.60 -3.36
C PHE A 37 -7.98 -4.35 -3.32
N VAL A 38 -8.46 -4.44 -2.08
CA VAL A 38 -9.57 -5.29 -1.62
C VAL A 38 -10.93 -4.57 -1.82
N GLY A 39 -10.89 -3.25 -1.62
CA GLY A 39 -12.14 -2.59 -1.77
C GLY A 39 -12.53 -2.43 -3.29
N CYS A 40 -11.52 -2.13 -4.11
CA CYS A 40 -11.61 -2.19 -5.58
C CYS A 40 -11.90 -3.74 -5.87
N GLY A 41 -11.19 -4.62 -5.24
CA GLY A 41 -11.30 -6.09 -5.39
C GLY A 41 -12.79 -6.63 -5.08
N VAL A 42 -13.62 -5.81 -4.41
CA VAL A 42 -15.11 -6.10 -4.20
C VAL A 42 -15.80 -6.23 -5.54
N LEU A 43 -15.59 -5.20 -6.32
CA LEU A 43 -16.21 -4.99 -7.64
C LEU A 43 -15.38 -5.44 -8.81
N LEU A 44 -14.08 -5.27 -8.73
CA LEU A 44 -13.19 -5.86 -9.75
C LEU A 44 -13.20 -7.39 -9.78
N SER A 45 -13.60 -8.02 -8.64
CA SER A 45 -13.92 -9.47 -8.67
C SER A 45 -14.83 -9.91 -9.85
N ARG A 46 -15.86 -9.11 -10.20
CA ARG A 46 -16.82 -9.39 -11.29
C ARG A 46 -16.11 -9.15 -12.60
N LYS A 47 -15.74 -7.85 -12.93
CA LYS A 47 -14.85 -7.52 -14.03
C LYS A 47 -14.60 -6.02 -14.09
N ARG A 48 -15.66 -5.21 -14.47
CA ARG A 48 -15.65 -3.78 -14.77
C ARG A 48 -14.57 -3.24 -15.79
N ARG A 49 -13.30 -3.69 -15.72
CA ARG A 49 -12.24 -3.27 -16.69
C ARG A 49 -11.95 -4.46 -17.57
N ARG A 50 -10.92 -5.30 -17.45
CA ARG A 50 -10.55 -6.48 -18.26
C ARG A 50 -10.38 -6.18 -19.75
N GLN A 51 -9.96 -5.00 -20.19
CA GLN A 51 -9.71 -4.65 -21.63
C GLN A 51 -8.32 -5.18 -22.08
N HIS A 52 -7.92 -6.46 -21.84
CA HIS A 52 -6.51 -6.93 -21.94
C HIS A 52 -5.65 -6.22 -20.86
N GLY A 53 -4.34 -6.43 -20.80
CA GLY A 53 -3.46 -5.81 -19.72
C GLY A 53 -3.74 -6.35 -18.32
N GLN A 54 -4.85 -7.12 -18.16
CA GLN A 54 -5.62 -7.33 -16.91
C GLN A 54 -6.23 -8.71 -16.99
N LEU A 55 -5.79 -9.62 -17.89
CA LEU A 55 -6.51 -10.82 -18.22
C LEU A 55 -5.80 -12.00 -17.41
N TRP A 56 -5.96 -11.85 -16.08
CA TRP A 56 -5.41 -12.65 -15.03
C TRP A 56 -3.93 -12.33 -14.80
N PHE A 57 -3.16 -12.63 -15.86
CA PHE A 57 -1.85 -12.00 -16.01
C PHE A 57 -1.97 -10.53 -16.45
N PRO A 58 -1.07 -9.66 -16.03
CA PRO A 58 -0.69 -8.46 -16.73
C PRO A 58 0.23 -8.90 -17.92
N GLU A 59 -0.33 -8.68 -19.07
CA GLU A 59 0.21 -8.81 -20.46
C GLU A 59 -0.46 -7.94 -21.53
N VAL A 9 33.82 -1.88 17.23
CA VAL A 9 33.18 -0.86 18.08
C VAL A 9 31.80 -0.37 17.65
N GLN A 10 31.07 -1.08 16.81
CA GLN A 10 29.64 -0.86 16.47
C GLN A 10 28.85 -2.20 16.26
N SER A 11 29.50 -3.36 16.30
CA SER A 11 28.79 -4.64 15.97
C SER A 11 28.00 -5.01 17.22
N GLU A 12 26.67 -4.88 17.16
CA GLU A 12 25.75 -5.14 18.25
C GLU A 12 25.99 -4.46 19.56
N THR A 13 26.99 -3.56 19.68
CA THR A 13 27.28 -2.72 20.79
C THR A 13 26.67 -1.31 20.67
N VAL A 14 26.47 -0.75 19.48
CA VAL A 14 25.77 0.49 19.15
C VAL A 14 25.02 0.33 17.84
N GLU A 15 23.71 0.18 17.95
CA GLU A 15 22.81 0.02 16.75
C GLU A 15 21.36 0.52 17.16
N PRO A 16 20.97 1.77 16.90
CA PRO A 16 19.60 2.21 17.17
C PRO A 16 18.52 1.42 16.32
N PRO A 17 17.23 1.47 16.74
CA PRO A 17 16.12 0.99 15.98
C PRO A 17 15.84 1.83 14.70
N PRO A 18 15.09 1.31 13.75
CA PRO A 18 14.80 2.03 12.51
C PRO A 18 13.89 3.24 12.72
N PRO A 19 13.86 4.17 11.75
CA PRO A 19 12.96 5.30 11.74
C PRO A 19 11.49 4.93 11.74
N ALA A 20 10.62 5.66 12.47
CA ALA A 20 9.19 5.61 12.26
C ALA A 20 8.80 6.02 10.82
N GLN A 21 9.60 6.69 9.98
CA GLN A 21 9.38 6.81 8.54
C GLN A 21 9.15 5.47 7.76
N LEU A 22 9.77 4.46 8.29
CA LEU A 22 9.66 3.14 7.70
C LEU A 22 8.27 2.54 8.00
N HIS A 23 7.95 2.34 9.31
CA HIS A 23 6.84 1.61 9.87
C HIS A 23 5.56 2.41 9.70
N PHE A 24 5.50 3.65 10.23
CA PHE A 24 4.31 4.45 10.15
C PHE A 24 4.06 4.75 8.62
N MET A 25 5.10 4.87 7.73
CA MET A 25 4.72 5.02 6.31
C MET A 25 4.32 3.72 5.67
N TYR A 26 4.96 2.62 6.02
CA TYR A 26 4.64 1.27 5.63
C TYR A 26 3.24 0.89 5.93
N VAL A 27 2.64 1.20 7.03
CA VAL A 27 1.18 0.92 7.30
C VAL A 27 0.33 1.80 6.46
N ALA A 28 0.72 3.05 6.32
CA ALA A 28 -0.12 3.97 5.57
C ALA A 28 -0.13 3.61 3.99
N ALA A 29 0.95 3.14 3.47
CA ALA A 29 1.19 2.67 2.11
C ALA A 29 0.69 1.24 1.99
N ALA A 30 0.98 0.31 2.88
CA ALA A 30 0.50 -1.09 2.77
C ALA A 30 -0.97 -1.16 3.21
N ALA A 31 -1.48 -0.30 4.08
CA ALA A 31 -2.90 -0.27 4.37
C ALA A 31 -3.64 0.44 3.25
N PHE A 32 -3.12 1.44 2.62
CA PHE A 32 -3.80 2.05 1.49
C PHE A 32 -3.69 1.10 0.33
N VAL A 33 -2.57 0.33 0.17
CA VAL A 33 -2.36 -0.49 -1.08
C VAL A 33 -3.17 -1.78 -0.82
N LEU A 34 -3.32 -2.22 0.43
CA LEU A 34 -4.13 -3.37 0.75
C LEU A 34 -5.58 -2.96 0.81
N LEU A 35 -5.93 -2.00 1.64
CA LEU A 35 -7.33 -1.65 1.84
C LEU A 35 -7.92 -1.13 0.57
N PHE A 36 -7.16 -0.61 -0.42
CA PHE A 36 -7.63 -0.36 -1.76
C PHE A 36 -7.63 -1.55 -2.67
N PHE A 37 -6.58 -2.26 -2.65
CA PHE A 37 -6.51 -3.51 -3.47
C PHE A 37 -7.47 -4.60 -3.04
N VAL A 38 -8.04 -4.45 -1.83
CA VAL A 38 -9.19 -5.27 -1.41
C VAL A 38 -10.41 -4.50 -1.53
N GLY A 39 -10.56 -3.22 -1.18
CA GLY A 39 -11.87 -2.43 -1.26
C GLY A 39 -12.34 -2.32 -2.66
N CYS A 40 -11.40 -1.91 -3.57
CA CYS A 40 -11.68 -1.92 -5.00
C CYS A 40 -11.53 -3.34 -5.51
N GLY A 41 -10.66 -4.22 -4.98
CA GLY A 41 -10.62 -5.61 -5.46
C GLY A 41 -11.79 -6.46 -5.15
N VAL A 42 -12.51 -6.05 -4.14
CA VAL A 42 -13.66 -6.90 -3.69
C VAL A 42 -14.84 -6.54 -4.53
N LEU A 43 -15.09 -5.30 -4.91
CA LEU A 43 -16.09 -5.09 -5.96
C LEU A 43 -15.61 -5.19 -7.37
N LEU A 44 -14.35 -4.92 -7.72
CA LEU A 44 -13.83 -5.14 -9.05
C LEU A 44 -13.45 -6.59 -9.31
N SER A 45 -13.38 -7.44 -8.28
CA SER A 45 -13.14 -8.94 -8.42
C SER A 45 -14.14 -9.52 -9.49
N ARG A 46 -15.38 -9.03 -9.47
CA ARG A 46 -16.40 -9.49 -10.45
C ARG A 46 -15.85 -9.51 -11.85
N LYS A 47 -15.43 -8.37 -12.39
CA LYS A 47 -15.05 -8.24 -13.79
C LYS A 47 -14.57 -6.85 -14.00
N ARG A 48 -15.27 -5.96 -14.70
CA ARG A 48 -14.97 -4.54 -15.06
C ARG A 48 -13.72 -4.37 -15.89
N ARG A 49 -12.89 -5.42 -16.02
CA ARG A 49 -11.60 -5.46 -16.82
C ARG A 49 -10.67 -4.45 -16.21
N ARG A 50 -9.87 -4.94 -15.20
CA ARG A 50 -8.78 -4.10 -14.67
C ARG A 50 -7.87 -3.47 -15.65
N GLN A 51 -7.42 -2.21 -15.43
CA GLN A 51 -6.71 -1.42 -16.38
C GLN A 51 -7.62 -1.03 -17.55
N HIS A 52 -7.29 0.09 -18.27
CA HIS A 52 -8.14 0.71 -19.30
C HIS A 52 -9.57 1.22 -18.96
N GLY A 53 -10.11 0.76 -17.84
CA GLY A 53 -11.31 1.23 -17.18
C GLY A 53 -11.10 1.78 -15.77
N GLN A 54 -9.90 2.22 -15.48
CA GLN A 54 -9.56 2.80 -14.13
C GLN A 54 -8.48 3.92 -14.20
N LEU A 55 -8.08 4.32 -15.40
CA LEU A 55 -6.86 5.13 -15.54
C LEU A 55 -7.17 6.51 -15.87
N TRP A 56 -7.81 7.21 -14.92
CA TRP A 56 -8.37 8.56 -14.83
C TRP A 56 -9.57 8.70 -15.63
N PHE A 57 -9.58 8.30 -16.90
CA PHE A 57 -10.78 8.12 -17.67
C PHE A 57 -11.23 6.67 -17.77
N PRO A 58 -12.20 6.19 -16.91
CA PRO A 58 -12.71 4.85 -16.85
C PRO A 58 -13.43 4.44 -18.12
N GLU A 59 -12.62 3.82 -19.03
CA GLU A 59 -13.14 3.51 -20.37
C GLU A 59 -13.24 1.98 -20.58
N VAL A 9 31.66 13.78 24.71
CA VAL A 9 30.42 13.86 25.50
C VAL A 9 29.56 15.02 24.96
N GLN A 10 28.65 14.72 24.02
CA GLN A 10 27.82 15.67 23.34
C GLN A 10 26.32 15.20 23.52
N SER A 11 25.41 16.00 22.92
CA SER A 11 23.97 15.71 22.85
C SER A 11 23.44 15.26 21.45
N GLU A 12 22.55 14.29 21.49
CA GLU A 12 22.10 13.42 20.37
C GLU A 12 23.19 12.53 19.77
N THR A 13 24.44 12.97 19.82
CA THR A 13 25.68 12.26 19.38
C THR A 13 26.12 10.98 20.21
N VAL A 14 25.14 10.52 21.04
CA VAL A 14 25.03 9.24 21.72
C VAL A 14 24.87 8.01 20.74
N GLU A 15 23.62 7.54 20.63
CA GLU A 15 23.20 6.63 19.54
C GLU A 15 21.69 6.91 19.33
N PRO A 16 21.31 7.52 18.16
CA PRO A 16 19.95 7.74 17.75
C PRO A 16 19.18 6.45 17.53
N PRO A 17 17.82 6.38 17.75
CA PRO A 17 16.98 5.23 17.37
C PRO A 17 16.78 5.19 15.81
N PRO A 18 16.45 4.04 15.19
CA PRO A 18 16.00 3.86 13.82
C PRO A 18 14.84 4.83 13.54
N PRO A 19 14.62 5.21 12.20
CA PRO A 19 13.66 6.16 11.67
C PRO A 19 12.22 5.64 11.69
N ALA A 20 11.36 6.02 12.68
CA ALA A 20 9.99 5.68 12.83
C ALA A 20 9.19 6.01 11.60
N GLN A 21 9.59 6.95 10.73
CA GLN A 21 9.11 7.03 9.33
C GLN A 21 8.94 5.73 8.53
N LEU A 22 9.90 4.89 8.52
CA LEU A 22 10.01 3.65 7.70
C LEU A 22 8.91 2.61 8.02
N HIS A 23 8.76 2.39 9.32
CA HIS A 23 7.68 1.64 9.90
C HIS A 23 6.31 2.31 9.70
N PHE A 24 6.25 3.63 9.92
CA PHE A 24 5.09 4.49 9.93
C PHE A 24 4.40 4.55 8.55
N MET A 25 5.27 4.91 7.59
CA MET A 25 4.96 4.98 6.21
C MET A 25 4.81 3.59 5.51
N TYR A 26 5.50 2.62 6.05
CA TYR A 26 5.14 1.18 5.78
C TYR A 26 3.71 0.71 6.10
N VAL A 27 3.24 0.98 7.33
CA VAL A 27 1.84 0.75 7.73
C VAL A 27 0.88 1.56 6.88
N ALA A 28 1.15 2.79 6.70
CA ALA A 28 0.23 3.70 6.02
C ALA A 28 0.04 3.35 4.53
N ALA A 29 1.14 2.97 3.79
CA ALA A 29 1.11 2.53 2.42
C ALA A 29 0.54 1.09 2.40
N ALA A 30 0.96 0.15 3.25
CA ALA A 30 0.33 -1.18 3.28
C ALA A 30 -1.21 -1.11 3.55
N ALA A 31 -1.60 -0.27 4.51
CA ALA A 31 -2.99 -0.09 4.75
C ALA A 31 -3.80 0.62 3.65
N PHE A 32 -3.19 1.49 2.90
CA PHE A 32 -3.84 2.27 1.86
C PHE A 32 -3.86 1.37 0.58
N VAL A 33 -2.83 0.55 0.34
CA VAL A 33 -2.71 -0.37 -0.68
C VAL A 33 -3.58 -1.59 -0.59
N LEU A 34 -3.69 -2.11 0.62
CA LEU A 34 -4.59 -3.19 0.98
C LEU A 34 -6.07 -2.76 0.93
N LEU A 35 -6.40 -1.58 1.54
CA LEU A 35 -7.75 -1.13 1.63
C LEU A 35 -8.31 -0.73 0.23
N PHE A 36 -7.38 -0.20 -0.56
CA PHE A 36 -7.67 0.02 -1.98
C PHE A 36 -7.84 -1.26 -2.71
N PHE A 37 -6.80 -2.09 -2.81
CA PHE A 37 -6.89 -3.26 -3.74
C PHE A 37 -7.73 -4.42 -3.21
N VAL A 38 -8.25 -4.36 -1.99
CA VAL A 38 -9.30 -5.24 -1.54
C VAL A 38 -10.72 -4.71 -1.76
N GLY A 39 -10.85 -3.37 -1.58
CA GLY A 39 -12.20 -2.72 -1.68
C GLY A 39 -12.64 -2.62 -3.13
N CYS A 40 -11.65 -2.16 -3.97
CA CYS A 40 -11.52 -2.07 -5.44
C CYS A 40 -11.44 -3.55 -5.97
N GLY A 41 -10.84 -4.54 -5.22
CA GLY A 41 -10.84 -5.93 -5.63
C GLY A 41 -12.20 -6.66 -5.40
N VAL A 42 -13.07 -6.21 -4.51
CA VAL A 42 -14.40 -6.86 -4.34
C VAL A 42 -15.35 -6.59 -5.50
N LEU A 43 -15.38 -5.34 -5.85
CA LEU A 43 -16.22 -4.88 -6.98
C LEU A 43 -15.61 -5.32 -8.35
N LEU A 44 -14.29 -5.42 -8.46
CA LEU A 44 -13.64 -5.86 -9.72
C LEU A 44 -13.66 -7.38 -9.88
N SER A 45 -13.60 -8.06 -8.73
CA SER A 45 -13.54 -9.51 -8.74
C SER A 45 -14.76 -10.20 -9.39
N ARG A 46 -15.87 -9.52 -9.28
CA ARG A 46 -17.12 -9.91 -10.09
C ARG A 46 -16.97 -9.28 -11.49
N LYS A 47 -16.91 -7.93 -11.65
CA LYS A 47 -16.48 -7.30 -12.92
C LYS A 47 -16.34 -5.82 -12.68
N ARG A 48 -17.41 -5.23 -12.21
CA ARG A 48 -17.79 -3.82 -12.35
C ARG A 48 -17.88 -3.44 -13.80
N ARG A 49 -16.83 -3.61 -14.64
CA ARG A 49 -16.75 -3.21 -16.08
C ARG A 49 -16.95 -1.70 -16.27
N ARG A 50 -16.07 -0.93 -15.64
CA ARG A 50 -15.86 0.44 -15.95
C ARG A 50 -14.90 0.75 -17.08
N GLN A 51 -15.25 1.75 -17.92
CA GLN A 51 -14.41 2.41 -18.93
C GLN A 51 -15.24 3.57 -19.63
N HIS A 52 -15.08 4.82 -19.12
CA HIS A 52 -15.67 6.10 -19.63
C HIS A 52 -17.20 6.09 -19.67
N GLY A 53 -17.82 5.06 -20.23
CA GLY A 53 -19.27 4.86 -20.26
C GLY A 53 -20.09 4.71 -19.00
N GLN A 54 -19.52 4.94 -17.81
CA GLN A 54 -20.03 4.87 -16.41
C GLN A 54 -19.35 5.80 -15.42
N LEU A 55 -18.42 6.60 -15.91
CA LEU A 55 -17.52 7.50 -15.13
C LEU A 55 -18.11 8.89 -14.89
N TRP A 56 -18.96 8.95 -13.82
CA TRP A 56 -19.80 10.00 -13.21
C TRP A 56 -20.91 10.37 -14.17
N PHE A 57 -20.55 10.81 -15.42
CA PHE A 57 -21.41 10.80 -16.61
C PHE A 57 -21.33 9.38 -17.27
N PRO A 58 -22.40 8.69 -17.70
CA PRO A 58 -22.44 7.42 -18.34
C PRO A 58 -22.22 7.65 -19.86
N GLU A 59 -21.04 8.22 -20.20
CA GLU A 59 -20.71 8.71 -21.52
C GLU A 59 -19.75 7.89 -22.37
N VAL A 9 28.07 4.97 28.48
CA VAL A 9 29.49 5.44 28.24
C VAL A 9 30.15 4.88 27.06
N GLN A 10 29.38 4.44 26.07
CA GLN A 10 29.82 3.59 24.91
C GLN A 10 28.77 3.89 23.77
N SER A 11 29.13 3.64 22.53
CA SER A 11 28.30 4.16 21.45
C SER A 11 26.84 3.60 21.46
N GLU A 12 26.54 2.40 22.05
CA GLU A 12 25.18 1.82 22.14
C GLU A 12 24.29 2.40 23.23
N THR A 13 24.92 3.12 24.18
CA THR A 13 24.27 4.00 25.15
C THR A 13 23.77 5.35 24.75
N VAL A 14 24.14 5.76 23.55
CA VAL A 14 24.03 7.22 23.06
C VAL A 14 23.27 7.33 21.72
N GLU A 15 22.83 6.28 21.09
CA GLU A 15 22.05 6.33 19.82
C GLU A 15 20.63 6.96 19.91
N PRO A 16 20.31 7.89 19.04
CA PRO A 16 18.93 8.37 18.89
C PRO A 16 18.08 7.23 18.45
N PRO A 17 16.78 7.15 18.79
CA PRO A 17 15.90 6.09 18.22
C PRO A 17 15.93 5.96 16.68
N PRO A 18 15.74 4.73 16.06
CA PRO A 18 15.70 4.59 14.64
C PRO A 18 14.51 5.48 14.14
N PRO A 19 14.64 6.06 12.92
CA PRO A 19 13.61 6.93 12.33
C PRO A 19 12.28 6.16 12.03
N ALA A 20 11.22 6.57 12.78
CA ALA A 20 9.91 5.93 12.69
C ALA A 20 9.19 6.14 11.33
N GLN A 21 9.73 7.03 10.48
CA GLN A 21 9.35 7.15 9.07
C GLN A 21 9.32 5.87 8.27
N LEU A 22 10.20 4.96 8.50
CA LEU A 22 10.28 3.62 7.95
C LEU A 22 9.03 2.79 8.30
N HIS A 23 8.78 2.65 9.61
CA HIS A 23 7.63 1.95 10.16
C HIS A 23 6.27 2.56 9.75
N PHE A 24 6.22 3.85 9.98
CA PHE A 24 5.07 4.68 9.70
C PHE A 24 4.52 4.63 8.29
N MET A 25 5.49 4.79 7.38
CA MET A 25 5.36 4.79 5.89
C MET A 25 5.17 3.41 5.32
N TYR A 26 5.87 2.45 5.93
CA TYR A 26 5.44 1.09 5.83
C TYR A 26 3.96 0.67 6.01
N VAL A 27 3.44 1.02 7.21
CA VAL A 27 2.08 0.57 7.62
C VAL A 27 1.07 1.44 6.95
N ALA A 28 1.37 2.72 6.81
CA ALA A 28 0.48 3.64 6.09
C ALA A 28 0.18 3.15 4.63
N ALA A 29 1.20 2.77 3.88
CA ALA A 29 1.13 2.31 2.50
C ALA A 29 0.59 0.85 2.55
N ALA A 30 1.00 -0.02 3.53
CA ALA A 30 0.37 -1.30 3.63
C ALA A 30 -1.17 -1.18 3.81
N ALA A 31 -1.57 -0.23 4.61
CA ALA A 31 -2.96 -0.03 5.00
C ALA A 31 -3.74 0.58 3.83
N PHE A 32 -3.15 1.52 3.06
CA PHE A 32 -3.75 2.07 1.86
C PHE A 32 -3.83 1.13 0.69
N VAL A 33 -2.78 0.29 0.49
CA VAL A 33 -2.83 -0.56 -0.64
C VAL A 33 -3.74 -1.71 -0.35
N LEU A 34 -3.70 -2.31 0.83
CA LEU A 34 -4.49 -3.47 1.08
C LEU A 34 -6.02 -3.07 1.02
N LEU A 35 -6.40 -1.91 1.51
CA LEU A 35 -7.75 -1.47 1.77
C LEU A 35 -8.26 -1.00 0.38
N PHE A 36 -7.55 -0.23 -0.37
CA PHE A 36 -7.86 -0.08 -1.78
C PHE A 36 -7.83 -1.29 -2.64
N PHE A 37 -6.85 -2.15 -2.60
CA PHE A 37 -6.97 -3.34 -3.39
C PHE A 37 -8.14 -4.31 -3.04
N VAL A 38 -8.50 -4.35 -1.76
CA VAL A 38 -9.57 -5.32 -1.37
C VAL A 38 -10.89 -4.65 -1.79
N GLY A 39 -11.01 -3.35 -1.62
CA GLY A 39 -12.24 -2.67 -1.93
C GLY A 39 -12.39 -2.59 -3.42
N CYS A 40 -11.31 -2.42 -4.21
CA CYS A 40 -11.15 -2.45 -5.69
C CYS A 40 -11.46 -3.84 -6.13
N GLY A 41 -10.92 -4.84 -5.44
CA GLY A 41 -10.88 -6.15 -5.90
C GLY A 41 -12.23 -6.83 -5.68
N VAL A 42 -12.98 -6.37 -4.65
CA VAL A 42 -14.25 -6.96 -4.38
C VAL A 42 -15.39 -6.55 -5.33
N LEU A 43 -15.27 -5.27 -5.85
CA LEU A 43 -16.18 -4.73 -6.89
C LEU A 43 -15.69 -4.85 -8.34
N LEU A 44 -14.34 -5.11 -8.52
CA LEU A 44 -13.87 -5.72 -9.77
C LEU A 44 -14.18 -7.19 -9.80
N SER A 45 -14.34 -7.91 -8.73
CA SER A 45 -14.51 -9.36 -8.69
C SER A 45 -15.40 -9.97 -9.81
N ARG A 46 -16.61 -9.44 -10.06
CA ARG A 46 -17.44 -9.90 -11.16
C ARG A 46 -16.95 -9.31 -12.51
N LYS A 47 -17.07 -7.99 -12.71
CA LYS A 47 -16.49 -7.08 -13.71
C LYS A 47 -16.60 -5.59 -13.46
N ARG A 48 -17.88 -5.11 -13.36
CA ARG A 48 -18.32 -3.74 -13.24
C ARG A 48 -17.88 -2.69 -14.31
N ARG A 49 -16.88 -2.99 -15.16
CA ARG A 49 -16.59 -2.31 -16.42
C ARG A 49 -16.21 -0.83 -16.29
N ARG A 50 -14.94 -0.60 -15.91
CA ARG A 50 -14.18 0.59 -15.87
C ARG A 50 -12.91 0.52 -16.75
N GLN A 51 -13.19 0.23 -18.01
CA GLN A 51 -12.18 0.44 -19.08
C GLN A 51 -12.92 1.00 -20.30
N HIS A 52 -12.23 1.79 -21.08
CA HIS A 52 -12.70 2.50 -22.25
C HIS A 52 -13.93 3.45 -21.99
N GLY A 53 -15.19 2.88 -21.94
CA GLY A 53 -16.44 3.56 -21.69
C GLY A 53 -16.62 4.22 -20.32
N GLN A 54 -15.66 4.07 -19.44
CA GLN A 54 -15.53 4.72 -18.10
C GLN A 54 -14.03 5.00 -17.83
N LEU A 55 -13.19 5.27 -18.84
CA LEU A 55 -11.75 5.39 -18.72
C LEU A 55 -11.30 6.73 -18.03
N TRP A 56 -11.84 7.11 -16.85
CA TRP A 56 -11.89 8.49 -16.32
C TRP A 56 -12.73 9.52 -17.11
N PHE A 57 -12.72 9.53 -18.43
CA PHE A 57 -13.51 10.31 -19.33
C PHE A 57 -14.49 9.35 -19.98
N PRO A 58 -15.76 9.43 -19.66
CA PRO A 58 -16.69 8.52 -20.27
C PRO A 58 -17.10 8.96 -21.67
N GLU A 59 -17.01 8.03 -22.58
CA GLU A 59 -17.27 8.37 -24.04
C GLU A 59 -17.95 7.23 -24.77
N VAL A 9 26.78 7.49 14.33
CA VAL A 9 26.05 6.21 14.49
C VAL A 9 26.82 5.09 13.72
N GLN A 10 27.74 4.38 14.39
CA GLN A 10 28.48 3.26 13.84
C GLN A 10 28.81 2.16 14.86
N SER A 11 29.03 2.55 16.09
CA SER A 11 29.23 1.59 17.13
C SER A 11 27.92 1.02 17.63
N GLU A 12 27.73 -0.26 17.49
CA GLU A 12 26.47 -0.95 17.93
C GLU A 12 26.12 -0.55 19.37
N THR A 13 27.11 -0.35 20.21
CA THR A 13 26.93 -0.05 21.58
C THR A 13 26.16 1.28 21.93
N VAL A 14 25.99 2.15 20.91
CA VAL A 14 25.32 3.46 21.00
C VAL A 14 24.46 3.67 19.75
N GLU A 15 23.90 2.65 19.15
CA GLU A 15 23.07 2.82 17.95
C GLU A 15 21.56 3.30 18.23
N PRO A 16 21.22 4.49 17.79
CA PRO A 16 19.91 5.07 18.07
C PRO A 16 18.78 4.38 17.25
N PRO A 17 17.48 4.47 17.66
CA PRO A 17 16.40 3.72 17.01
C PRO A 17 16.23 4.24 15.53
N PRO A 18 15.54 3.47 14.68
CA PRO A 18 15.25 3.84 13.29
C PRO A 18 14.15 4.94 13.18
N PRO A 19 14.04 5.69 12.02
CA PRO A 19 13.11 6.88 11.85
C PRO A 19 11.66 6.42 11.55
N ALA A 20 10.65 7.22 11.91
CA ALA A 20 9.28 6.79 11.58
C ALA A 20 8.96 6.65 10.06
N GLN A 21 9.82 7.19 9.25
CA GLN A 21 9.83 7.16 7.81
C GLN A 21 9.84 5.60 7.38
N LEU A 22 10.40 4.68 8.20
CA LEU A 22 10.30 3.23 7.95
C LEU A 22 8.93 2.73 8.47
N HIS A 23 8.81 2.47 9.77
CA HIS A 23 7.66 1.76 10.38
C HIS A 23 6.37 2.45 9.99
N PHE A 24 6.24 3.72 10.32
CA PHE A 24 5.01 4.45 10.04
C PHE A 24 4.68 4.53 8.60
N MET A 25 5.73 4.78 7.72
CA MET A 25 5.33 4.79 6.29
C MET A 25 4.88 3.47 5.79
N TYR A 26 5.58 2.44 6.30
CA TYR A 26 5.17 1.03 6.13
C TYR A 26 3.74 0.61 6.42
N VAL A 27 3.19 0.97 7.57
CA VAL A 27 1.83 0.64 7.94
C VAL A 27 0.81 1.49 7.17
N ALA A 28 1.15 2.72 6.97
CA ALA A 28 0.24 3.61 6.30
C ALA A 28 -0.01 3.17 4.81
N ALA A 29 1.06 2.79 4.11
CA ALA A 29 1.11 2.31 2.76
C ALA A 29 0.51 0.91 2.69
N ALA A 30 0.97 0.00 3.61
CA ALA A 30 0.36 -1.37 3.63
C ALA A 30 -1.14 -1.33 3.89
N ALA A 31 -1.69 -0.44 4.79
CA ALA A 31 -3.06 -0.33 5.10
C ALA A 31 -3.87 0.25 3.93
N PHE A 32 -3.26 1.27 3.23
CA PHE A 32 -3.77 1.91 1.99
C PHE A 32 -3.79 0.92 0.85
N VAL A 33 -2.70 0.17 0.59
CA VAL A 33 -2.72 -0.79 -0.53
C VAL A 33 -3.54 -1.94 -0.22
N LEU A 34 -3.72 -2.40 0.98
CA LEU A 34 -4.57 -3.53 1.36
C LEU A 34 -6.06 -3.18 1.21
N LEU A 35 -6.43 -1.98 1.65
CA LEU A 35 -7.76 -1.43 1.71
C LEU A 35 -8.17 -1.03 0.27
N PHE A 36 -7.27 -0.49 -0.48
CA PHE A 36 -7.42 -0.49 -1.92
C PHE A 36 -7.63 -1.81 -2.59
N PHE A 37 -6.71 -2.83 -2.31
CA PHE A 37 -6.78 -4.08 -3.16
C PHE A 37 -7.99 -4.92 -2.92
N VAL A 38 -8.49 -4.83 -1.68
CA VAL A 38 -9.74 -5.49 -1.27
C VAL A 38 -10.94 -4.63 -1.68
N GLY A 39 -10.96 -3.32 -1.44
CA GLY A 39 -12.11 -2.53 -1.75
C GLY A 39 -12.41 -2.45 -3.28
N CYS A 40 -11.38 -2.07 -4.06
CA CYS A 40 -11.46 -2.04 -5.48
C CYS A 40 -11.52 -3.51 -5.96
N GLY A 41 -10.84 -4.48 -5.32
CA GLY A 41 -10.96 -5.88 -5.67
C GLY A 41 -12.37 -6.41 -5.50
N VAL A 42 -13.13 -5.96 -4.54
CA VAL A 42 -14.40 -6.67 -4.26
C VAL A 42 -15.39 -6.33 -5.38
N LEU A 43 -15.37 -5.11 -5.94
CA LEU A 43 -16.16 -4.74 -7.08
C LEU A 43 -15.44 -4.91 -8.42
N LEU A 44 -14.13 -4.84 -8.52
CA LEU A 44 -13.38 -5.17 -9.81
C LEU A 44 -13.59 -6.67 -10.14
N SER A 45 -13.74 -7.54 -9.13
CA SER A 45 -13.73 -8.98 -9.40
C SER A 45 -14.85 -9.56 -10.22
N ARG A 46 -16.10 -9.01 -10.19
CA ARG A 46 -17.28 -9.58 -10.80
C ARG A 46 -17.09 -9.68 -12.33
N LYS A 47 -16.50 -8.64 -13.00
CA LYS A 47 -15.90 -8.62 -14.33
C LYS A 47 -15.12 -7.34 -14.68
N ARG A 48 -15.23 -6.17 -14.02
CA ARG A 48 -14.76 -4.80 -14.43
C ARG A 48 -13.29 -4.60 -14.76
N ARG A 49 -12.41 -5.55 -14.51
CA ARG A 49 -11.01 -5.53 -15.05
C ARG A 49 -11.10 -5.33 -16.54
N ARG A 50 -10.28 -4.46 -17.06
CA ARG A 50 -10.05 -4.29 -18.53
C ARG A 50 -8.50 -4.19 -18.79
N GLN A 51 -7.93 -3.02 -18.46
CA GLN A 51 -6.46 -2.83 -18.39
C GLN A 51 -5.74 -3.03 -19.73
N HIS A 52 -4.42 -3.38 -19.72
CA HIS A 52 -3.57 -3.84 -20.88
C HIS A 52 -3.92 -3.13 -22.20
N GLY A 53 -4.89 -3.57 -23.02
CA GLY A 53 -5.34 -2.96 -24.27
C GLY A 53 -6.04 -1.60 -24.13
N GLN A 54 -6.07 -1.06 -22.89
CA GLN A 54 -6.80 0.11 -22.44
C GLN A 54 -5.97 0.78 -21.38
N LEU A 55 -4.67 0.64 -21.38
CA LEU A 55 -3.83 1.08 -20.32
C LEU A 55 -3.37 2.56 -20.53
N TRP A 56 -4.39 3.47 -20.66
CA TRP A 56 -4.40 4.82 -21.25
C TRP A 56 -4.00 4.90 -22.72
N PHE A 57 -2.95 4.24 -23.17
CA PHE A 57 -2.60 4.06 -24.59
C PHE A 57 -3.43 2.85 -25.05
N PRO A 58 -4.20 2.91 -26.12
CA PRO A 58 -5.02 1.83 -26.67
C PRO A 58 -4.16 0.82 -27.52
N GLU A 59 -3.09 0.22 -26.99
CA GLU A 59 -2.09 -0.55 -27.81
C GLU A 59 -2.30 -2.03 -27.76
N VAL A 9 26.57 6.65 31.75
CA VAL A 9 27.80 6.84 30.91
C VAL A 9 27.97 5.77 29.84
N GLN A 10 27.00 5.76 28.99
CA GLN A 10 26.92 4.75 27.91
C GLN A 10 26.43 5.51 26.65
N SER A 11 26.69 4.93 25.47
CA SER A 11 26.01 5.33 24.25
C SER A 11 24.46 5.16 24.16
N GLU A 12 23.98 4.12 24.91
CA GLU A 12 22.53 3.75 24.91
C GLU A 12 21.65 4.68 25.66
N THR A 13 22.27 5.66 26.34
CA THR A 13 21.57 6.81 26.94
C THR A 13 21.21 7.99 26.02
N VAL A 14 22.25 8.42 25.26
CA VAL A 14 22.21 9.61 24.30
C VAL A 14 22.05 9.16 22.83
N GLU A 15 20.98 8.38 22.57
CA GLU A 15 20.63 7.95 21.19
C GLU A 15 19.11 8.25 20.96
N PRO A 16 18.78 8.96 19.89
CA PRO A 16 17.36 9.23 19.54
C PRO A 16 16.75 7.98 19.01
N PRO A 17 15.39 7.83 19.05
CA PRO A 17 14.81 6.62 18.46
C PRO A 17 15.09 6.41 17.00
N PRO A 18 14.87 5.14 16.48
CA PRO A 18 15.01 4.86 15.03
C PRO A 18 13.90 5.65 14.22
N PRO A 19 14.04 5.78 12.91
CA PRO A 19 13.05 6.46 12.02
C PRO A 19 11.67 5.78 11.94
N ALA A 20 10.59 6.32 12.52
CA ALA A 20 9.31 5.78 12.40
C ALA A 20 8.77 5.94 10.93
N GLN A 21 9.45 6.71 10.03
CA GLN A 21 9.21 6.81 8.58
C GLN A 21 9.00 5.45 7.93
N LEU A 22 9.69 4.39 8.44
CA LEU A 22 9.62 3.08 7.84
C LEU A 22 8.31 2.43 8.25
N HIS A 23 7.92 2.41 9.53
CA HIS A 23 6.70 1.77 10.10
C HIS A 23 5.44 2.55 9.79
N PHE A 24 5.43 3.86 10.10
CA PHE A 24 4.32 4.78 9.79
C PHE A 24 3.93 4.85 8.33
N MET A 25 4.94 4.83 7.47
CA MET A 25 4.74 4.80 6.02
C MET A 25 4.40 3.36 5.47
N TYR A 26 5.09 2.31 5.99
CA TYR A 26 4.73 0.96 5.76
C TYR A 26 3.27 0.64 6.12
N VAL A 27 2.71 1.18 7.18
CA VAL A 27 1.26 1.16 7.48
C VAL A 27 0.49 1.90 6.40
N ALA A 28 0.66 3.23 6.31
CA ALA A 28 -0.09 3.95 5.29
C ALA A 28 -0.06 3.35 3.85
N ALA A 29 1.11 2.95 3.28
CA ALA A 29 1.30 2.43 1.97
C ALA A 29 0.80 0.92 1.91
N ALA A 30 1.04 0.10 2.99
CA ALA A 30 0.55 -1.26 2.99
C ALA A 30 -0.98 -1.32 3.18
N ALA A 31 -1.54 -0.46 4.02
CA ALA A 31 -3.04 -0.38 4.12
C ALA A 31 -3.71 0.26 2.89
N PHE A 32 -3.06 1.26 2.31
CA PHE A 32 -3.47 1.94 1.12
C PHE A 32 -3.34 0.94 -0.01
N VAL A 33 -2.31 0.13 -0.01
CA VAL A 33 -2.19 -0.86 -1.15
C VAL A 33 -3.14 -2.01 -0.84
N LEU A 34 -3.34 -2.47 0.41
CA LEU A 34 -4.10 -3.76 0.58
C LEU A 34 -5.55 -3.54 0.79
N LEU A 35 -5.93 -2.52 1.62
CA LEU A 35 -7.32 -2.10 1.87
C LEU A 35 -7.89 -1.34 0.62
N PHE A 36 -7.04 -0.85 -0.29
CA PHE A 36 -7.43 -0.58 -1.69
C PHE A 36 -7.42 -1.75 -2.57
N PHE A 37 -6.44 -2.67 -2.49
CA PHE A 37 -6.39 -3.88 -3.37
C PHE A 37 -7.58 -4.84 -3.15
N VAL A 38 -8.06 -4.88 -1.91
CA VAL A 38 -9.19 -5.61 -1.45
C VAL A 38 -10.43 -4.75 -1.49
N GLY A 39 -10.45 -3.43 -1.11
CA GLY A 39 -11.72 -2.67 -1.18
C GLY A 39 -12.17 -2.46 -2.63
N CYS A 40 -11.17 -2.09 -3.41
CA CYS A 40 -11.27 -1.76 -4.82
C CYS A 40 -11.33 -3.07 -5.60
N GLY A 41 -10.53 -4.11 -5.17
CA GLY A 41 -10.60 -5.40 -5.72
C GLY A 41 -11.79 -6.30 -5.27
N VAL A 42 -12.48 -6.06 -4.17
CA VAL A 42 -13.67 -6.92 -3.89
C VAL A 42 -14.80 -6.49 -4.80
N LEU A 43 -14.87 -5.18 -5.06
CA LEU A 43 -15.93 -4.75 -5.97
C LEU A 43 -15.54 -4.80 -7.44
N LEU A 44 -14.26 -4.60 -7.81
CA LEU A 44 -13.72 -4.88 -9.17
C LEU A 44 -13.68 -6.44 -9.33
N SER A 45 -13.68 -7.29 -8.31
CA SER A 45 -13.63 -8.74 -8.56
C SER A 45 -14.83 -9.26 -9.27
N ARG A 46 -15.97 -8.51 -9.24
CA ARG A 46 -17.19 -8.91 -10.01
C ARG A 46 -17.00 -8.64 -11.53
N LYS A 47 -17.07 -7.40 -12.00
CA LYS A 47 -16.92 -6.97 -13.45
C LYS A 47 -16.73 -5.43 -13.53
N ARG A 48 -15.48 -4.96 -13.70
CA ARG A 48 -15.26 -3.51 -13.94
C ARG A 48 -14.16 -3.16 -14.93
N ARG A 49 -13.53 -4.25 -15.48
CA ARG A 49 -12.40 -4.29 -16.46
C ARG A 49 -11.08 -3.67 -15.99
N ARG A 50 -9.96 -4.14 -16.40
CA ARG A 50 -8.63 -3.85 -15.86
C ARG A 50 -7.57 -3.73 -16.92
N GLN A 51 -7.93 -3.61 -18.19
CA GLN A 51 -7.07 -3.62 -19.39
C GLN A 51 -7.80 -2.88 -20.46
N HIS A 52 -7.04 -2.53 -21.48
CA HIS A 52 -7.49 -1.84 -22.63
C HIS A 52 -7.98 -0.42 -22.24
N GLY A 53 -9.21 -0.23 -21.76
CA GLY A 53 -9.79 1.05 -21.28
C GLY A 53 -9.29 1.60 -19.93
N GLN A 54 -8.10 1.16 -19.43
CA GLN A 54 -7.59 1.37 -18.06
C GLN A 54 -6.06 1.17 -18.01
N LEU A 55 -5.38 0.90 -19.13
CA LEU A 55 -3.99 0.52 -19.17
C LEU A 55 -3.05 1.71 -19.24
N TRP A 56 -2.91 2.44 -18.14
CA TRP A 56 -2.20 3.69 -17.95
C TRP A 56 -2.81 4.90 -18.65
N PHE A 57 -3.35 4.63 -19.84
CA PHE A 57 -4.19 5.44 -20.64
C PHE A 57 -5.61 4.81 -20.74
N PRO A 58 -6.65 5.39 -20.05
CA PRO A 58 -7.96 4.85 -20.07
C PRO A 58 -8.70 4.99 -21.41
N GLU A 59 -8.47 4.11 -22.39
CA GLU A 59 -8.77 4.42 -23.82
C GLU A 59 -9.60 3.19 -24.40
#